data_5V0S
#
_entry.id   5V0S
#
_cell.length_a   48.070
_cell.length_b   48.070
_cell.length_c   233.395
_cell.angle_alpha   90.000
_cell.angle_beta   90.000
_cell.angle_gamma   120.000
#
_symmetry.space_group_name_H-M   'P 65 2 2'
#
loop_
_entity.id
_entity.type
_entity.pdbx_description
1 polymer 'Prephenate dehydrogenase'
2 non-polymer 'SULFATE ION'
3 non-polymer 'CALCIUM ION'
4 water water
#
_entity_poly.entity_id   1
_entity_poly.type   'polypeptide(L)'
_entity_poly.pdbx_seq_one_letter_code
;HDLYVDVLDKVGALAHVTSILAREEISITNLQILEAREGLLGVLRISFQREEDR(MSE)KAKLALGEEKYQTY
;
_entity_poly.pdbx_strand_id   A,B
#
# COMPACT_ATOMS: atom_id res chain seq x y z
N HIS A 1 1.40 8.10 -14.42
CA HIS A 1 1.84 6.68 -14.66
C HIS A 1 1.16 5.68 -13.72
N ASP A 2 0.13 4.99 -14.22
CA ASP A 2 -0.66 4.05 -13.38
C ASP A 2 -0.56 2.60 -13.83
N LEU A 3 -0.67 1.69 -12.89
CA LEU A 3 -0.72 0.28 -13.19
C LEU A 3 -1.92 -0.31 -12.46
N TYR A 4 -2.73 -1.10 -13.15
CA TYR A 4 -3.89 -1.71 -12.52
C TYR A 4 -3.64 -3.21 -12.40
N VAL A 5 -3.86 -3.74 -11.20
CA VAL A 5 -3.57 -5.12 -10.89
C VAL A 5 -4.88 -5.73 -10.40
N ASP A 6 -5.37 -6.77 -11.08
CA ASP A 6 -6.50 -7.58 -10.60
C ASP A 6 -6.07 -8.47 -9.43
N VAL A 7 -6.86 -8.50 -8.36
CA VAL A 7 -6.54 -9.33 -7.18
C VAL A 7 -7.78 -10.07 -6.67
N LEU A 8 -7.55 -11.23 -6.08
CA LEU A 8 -8.61 -12.05 -5.50
C LEU A 8 -8.85 -11.73 -4.02
N ASP A 9 -7.79 -11.33 -3.30
CA ASP A 9 -7.86 -11.03 -1.87
C ASP A 9 -7.22 -9.64 -1.68
N LYS A 10 -8.05 -8.60 -1.58
CA LYS A 10 -7.57 -7.20 -1.50
C LYS A 10 -6.50 -7.00 -0.41
N VAL A 11 -6.76 -7.59 0.75
CA VAL A 11 -5.98 -7.34 1.95
C VAL A 11 -4.61 -8.06 1.85
N GLY A 12 -4.64 -9.36 1.62
CA GLY A 12 -3.41 -10.15 1.43
C GLY A 12 -2.63 -9.78 0.19
N ALA A 13 -3.33 -9.56 -0.94
CA ALA A 13 -2.66 -9.11 -2.16
C ALA A 13 -1.96 -7.79 -1.94
N LEU A 14 -2.59 -6.86 -1.22
CA LEU A 14 -1.93 -5.58 -0.97
C LEU A 14 -0.59 -5.77 -0.27
N ALA A 15 -0.53 -6.65 0.73
CA ALA A 15 0.70 -6.91 1.45
C ALA A 15 1.73 -7.57 0.53
N HIS A 16 1.31 -8.53 -0.27
CA HIS A 16 2.26 -9.20 -1.20
C HIS A 16 2.81 -8.26 -2.26
N VAL A 17 1.92 -7.50 -2.87
CA VAL A 17 2.31 -6.51 -3.88
C VAL A 17 3.29 -5.49 -3.33
N THR A 18 3.03 -4.95 -2.15
CA THR A 18 3.97 -3.97 -1.61
C THR A 18 5.30 -4.61 -1.21
N SER A 19 5.30 -5.89 -0.78
CA SER A 19 6.57 -6.58 -0.50
C SER A 19 7.40 -6.76 -1.79
N ILE A 20 6.71 -7.02 -2.91
CA ILE A 20 7.41 -7.13 -4.20
C ILE A 20 8.01 -5.80 -4.62
N LEU A 21 7.22 -4.72 -4.50
CA LEU A 21 7.72 -3.39 -4.79
C LEU A 21 8.92 -3.03 -3.94
N ALA A 22 8.87 -3.41 -2.66
CA ALA A 22 10.00 -3.16 -1.74
C ALA A 22 11.26 -3.91 -2.17
N ARG A 23 11.11 -5.17 -2.55
CA ARG A 23 12.26 -5.95 -2.91
C ARG A 23 12.92 -5.40 -4.17
N GLU A 24 12.14 -4.87 -5.08
CA GLU A 24 12.66 -4.27 -6.30
C GLU A 24 13.03 -2.80 -6.13
N GLU A 25 12.83 -2.27 -4.94
CA GLU A 25 13.14 -0.89 -4.58
C GLU A 25 12.44 0.11 -5.46
N ILE A 26 11.16 -0.13 -5.70
CA ILE A 26 10.32 0.74 -6.52
C ILE A 26 9.56 1.66 -5.59
N SER A 27 9.73 2.96 -5.82
CA SER A 27 8.96 4.01 -5.14
C SER A 27 7.62 4.21 -5.83
N ILE A 28 6.58 4.35 -5.04
CA ILE A 28 5.25 4.64 -5.57
C ILE A 28 4.76 5.92 -4.93
N THR A 29 3.76 6.53 -5.55
CA THR A 29 3.16 7.75 -5.00
C THR A 29 1.81 7.49 -4.30
N ASN A 30 1.08 6.50 -4.80
CA ASN A 30 -0.27 6.22 -4.34
C ASN A 30 -0.64 4.78 -4.65
N LEU A 31 -1.47 4.22 -3.78
CA LEU A 31 -2.07 2.93 -3.98
C LEU A 31 -3.56 3.04 -3.64
N GLN A 32 -4.44 2.80 -4.61
CA GLN A 32 -5.89 2.88 -4.43
C GLN A 32 -6.48 1.49 -4.59
N ILE A 33 -7.38 1.14 -3.67
CA ILE A 33 -8.03 -0.16 -3.70
C ILE A 33 -9.44 0.07 -4.25
N LEU A 34 -9.71 -0.51 -5.41
CA LEU A 34 -10.99 -0.39 -6.08
C LEU A 34 -11.72 -1.72 -6.07
N GLU A 35 -13.04 -1.66 -6.00
CA GLU A 35 -13.85 -2.85 -6.12
C GLU A 35 -15.14 -2.52 -6.84
N ALA A 36 -15.69 -3.50 -7.56
CA ALA A 36 -17.04 -3.40 -8.12
C ALA A 36 -18.10 -3.79 -7.10
N ARG A 37 -17.79 -4.79 -6.27
CA ARG A 37 -18.72 -5.28 -5.25
C ARG A 37 -18.02 -5.41 -3.91
N GLU A 38 -18.79 -5.34 -2.83
CA GLU A 38 -18.27 -5.63 -1.50
C GLU A 38 -17.82 -7.10 -1.51
N GLY A 39 -16.66 -7.36 -0.92
CA GLY A 39 -16.08 -8.71 -0.90
C GLY A 39 -14.60 -8.60 -1.05
N LEU A 40 -13.90 -9.73 -1.11
CA LEU A 40 -12.43 -9.73 -1.18
C LEU A 40 -11.83 -9.42 -2.55
N LEU A 41 -12.58 -9.62 -3.64
CA LEU A 41 -12.06 -9.30 -4.99
C LEU A 41 -11.92 -7.79 -5.19
N GLY A 42 -10.92 -7.41 -5.99
CA GLY A 42 -10.72 -6.01 -6.33
C GLY A 42 -9.65 -5.74 -7.37
N VAL A 43 -9.37 -4.45 -7.53
CA VAL A 43 -8.32 -3.96 -8.43
C VAL A 43 -7.46 -3.00 -7.63
N LEU A 44 -6.14 -3.21 -7.68
CA LEU A 44 -5.19 -2.29 -7.07
C LEU A 44 -4.71 -1.38 -8.15
N ARG A 45 -4.79 -0.09 -7.89
CA ARG A 45 -4.34 0.92 -8.82
C ARG A 45 -3.11 1.55 -8.18
N ILE A 46 -1.96 1.39 -8.84
CA ILE A 46 -0.70 1.88 -8.30
C ILE A 46 -0.20 3.01 -9.15
N SER A 47 0.20 4.11 -8.52
CA SER A 47 0.65 5.30 -9.22
C SER A 47 2.15 5.49 -8.95
N PHE A 48 2.89 5.92 -9.97
CA PHE A 48 4.35 6.08 -9.91
C PHE A 48 4.74 7.48 -10.36
N GLN A 49 5.88 7.94 -9.90
CA GLN A 49 6.45 9.22 -10.34
C GLN A 49 7.04 9.09 -11.77
N ARG A 50 7.69 7.97 -12.08
CA ARG A 50 8.41 7.77 -13.34
C ARG A 50 7.91 6.52 -14.11
N GLU A 51 7.99 6.58 -15.44
CA GLU A 51 7.71 5.44 -16.33
C GLU A 51 8.56 4.21 -16.01
N GLU A 52 9.84 4.41 -15.71
CA GLU A 52 10.76 3.32 -15.35
C GLU A 52 10.23 2.51 -14.16
N ASP A 53 9.72 3.19 -13.14
CA ASP A 53 9.16 2.54 -11.97
C ASP A 53 7.93 1.72 -12.32
N ARG A 54 7.04 2.27 -13.16
CA ARG A 54 5.88 1.50 -13.58
C ARG A 54 6.25 0.22 -14.33
N LYS A 56 9.09 -1.44 -14.19
CA LYS A 56 9.75 -2.37 -13.25
C LYS A 56 8.70 -3.11 -12.44
N ALA A 57 7.67 -2.37 -12.00
CA ALA A 57 6.58 -2.96 -11.24
C ALA A 57 5.80 -3.97 -12.09
N LYS A 58 5.52 -3.59 -13.33
CA LYS A 58 4.82 -4.45 -14.25
C LYS A 58 5.54 -5.78 -14.48
N LEU A 59 6.84 -5.71 -14.67
CA LEU A 59 7.65 -6.92 -14.80
C LEU A 59 7.65 -7.78 -13.56
N ALA A 60 7.89 -7.17 -12.41
CA ALA A 60 8.00 -7.93 -11.16
C ALA A 60 6.69 -8.56 -10.77
N LEU A 61 5.59 -7.85 -10.98
CA LEU A 61 4.26 -8.39 -10.64
C LEU A 61 3.84 -9.47 -11.60
N GLY A 62 4.16 -9.28 -12.88
CA GLY A 62 3.94 -10.29 -13.91
C GLY A 62 4.63 -11.61 -13.62
N GLU A 63 5.88 -11.50 -13.17
CA GLU A 63 6.69 -12.66 -12.78
C GLU A 63 6.06 -13.42 -11.58
N GLU A 64 5.32 -12.73 -10.72
CA GLU A 64 4.59 -13.36 -9.63
C GLU A 64 3.16 -13.76 -10.02
N LYS A 65 2.87 -13.72 -11.32
CA LYS A 65 1.62 -14.23 -11.87
C LYS A 65 0.41 -13.36 -11.57
N TYR A 66 0.61 -12.09 -11.22
CA TYR A 66 -0.49 -11.12 -11.19
C TYR A 66 -0.81 -10.70 -12.64
N GLN A 67 -2.10 -10.63 -12.98
CA GLN A 67 -2.52 -10.05 -14.24
C GLN A 67 -2.50 -8.52 -14.08
N THR A 68 -1.77 -7.82 -14.93
CA THR A 68 -1.60 -6.36 -14.80
C THR A 68 -1.98 -5.66 -16.11
N TYR A 69 -2.38 -4.39 -16.00
CA TYR A 69 -2.61 -3.52 -17.16
C TYR A 69 -1.89 -2.18 -16.96
N HIS B 1 -12.06 9.17 6.65
CA HIS B 1 -11.32 8.57 7.82
C HIS B 1 -9.84 8.34 7.48
N ASP B 2 -8.96 9.28 7.88
CA ASP B 2 -7.52 9.17 7.49
C ASP B 2 -6.56 8.99 8.68
N LEU B 3 -5.50 8.25 8.47
CA LEU B 3 -4.49 8.05 9.48
C LEU B 3 -3.13 8.39 8.84
N TYR B 4 -2.32 9.17 9.54
CA TYR B 4 -1.01 9.56 9.04
C TYR B 4 0.05 8.89 9.87
N VAL B 5 0.99 8.23 9.22
CA VAL B 5 2.01 7.42 9.87
C VAL B 5 3.35 7.95 9.44
N ASP B 6 4.18 8.37 10.39
CA ASP B 6 5.59 8.77 10.09
C ASP B 6 6.44 7.54 9.83
N VAL B 7 7.27 7.57 8.80
CA VAL B 7 8.17 6.45 8.46
C VAL B 7 9.56 6.91 8.11
N LEU B 8 10.55 6.07 8.39
CA LEU B 8 11.96 6.37 8.06
C LEU B 8 12.38 5.84 6.69
N ASP B 9 11.77 4.75 6.25
CA ASP B 9 12.08 4.12 4.95
C ASP B 9 10.76 3.93 4.22
N LYS B 10 10.39 4.85 3.33
CA LYS B 10 9.09 4.82 2.61
C LYS B 10 8.77 3.46 1.98
N VAL B 11 9.77 2.86 1.34
CA VAL B 11 9.59 1.64 0.56
C VAL B 11 9.39 0.41 1.47
N GLY B 12 10.35 0.20 2.37
CA GLY B 12 10.25 -0.87 3.37
C GLY B 12 9.12 -0.69 4.37
N ALA B 13 8.92 0.52 4.86
CA ALA B 13 7.82 0.79 5.80
C ALA B 13 6.47 0.57 5.13
N LEU B 14 6.35 0.88 3.85
CA LEU B 14 5.08 0.59 3.17
C LEU B 14 4.74 -0.90 3.23
N ALA B 15 5.75 -1.74 2.99
CA ALA B 15 5.55 -3.19 3.05
C ALA B 15 5.23 -3.63 4.48
N HIS B 16 5.92 -3.08 5.46
CA HIS B 16 5.66 -3.45 6.86
C HIS B 16 4.24 -3.05 7.32
N VAL B 17 3.87 -1.82 7.01
CA VAL B 17 2.54 -1.32 7.34
C VAL B 17 1.43 -2.16 6.71
N THR B 18 1.56 -2.49 5.43
CA THR B 18 0.51 -3.29 4.82
C THR B 18 0.51 -4.73 5.35
N SER B 19 1.67 -5.28 5.76
CA SER B 19 1.70 -6.59 6.40
C SER B 19 0.99 -6.58 7.75
N ILE B 20 1.12 -5.48 8.49
CA ILE B 20 0.38 -5.34 9.77
C ILE B 20 -1.11 -5.25 9.54
N LEU B 21 -1.52 -4.47 8.55
CA LEU B 21 -2.94 -4.38 8.17
C LEU B 21 -3.48 -5.75 7.78
N ALA B 22 -2.70 -6.53 7.04
CA ALA B 22 -3.09 -7.90 6.67
C ALA B 22 -3.25 -8.82 7.87
N ARG B 23 -2.33 -8.73 8.81
CA ARG B 23 -2.38 -9.54 10.02
C ARG B 23 -3.66 -9.27 10.81
N GLU B 24 -4.07 -8.01 10.84
CA GLU B 24 -5.26 -7.62 11.57
C GLU B 24 -6.52 -7.69 10.70
N GLU B 25 -6.38 -8.07 9.45
CA GLU B 25 -7.46 -8.16 8.48
C GLU B 25 -8.22 -6.84 8.33
N ILE B 26 -7.47 -5.76 8.21
CA ILE B 26 -8.05 -4.43 8.06
C ILE B 26 -7.99 -4.08 6.58
N SER B 27 -9.15 -3.76 6.03
CA SER B 27 -9.28 -3.22 4.67
C SER B 27 -9.05 -1.69 4.69
N ILE B 28 -8.37 -1.22 3.67
CA ILE B 28 -8.19 0.20 3.43
C ILE B 28 -8.72 0.57 2.06
N THR B 29 -8.90 1.87 1.82
CA THR B 29 -9.35 2.33 0.51
C THR B 29 -8.23 2.97 -0.34
N ASN B 30 -7.27 3.60 0.32
CA ASN B 30 -6.19 4.35 -0.36
C ASN B 30 -4.98 4.46 0.56
N LEU B 31 -3.82 4.48 -0.05
CA LEU B 31 -2.57 4.75 0.64
C LEU B 31 -1.77 5.75 -0.19
N GLN B 32 -1.44 6.92 0.38
CA GLN B 32 -0.67 7.96 -0.30
C GLN B 32 0.66 8.11 0.41
N ILE B 33 1.74 8.19 -0.37
CA ILE B 33 3.08 8.32 0.17
C ILE B 33 3.48 9.77 0.01
N LEU B 34 3.72 10.46 1.13
CA LEU B 34 4.11 11.86 1.12
C LEU B 34 5.56 11.97 1.58
N GLU B 35 6.29 12.90 0.99
CA GLU B 35 7.65 13.19 1.46
C GLU B 35 7.93 14.66 1.52
N ALA B 36 8.80 15.09 2.45
CA ALA B 36 9.26 16.50 2.44
C ALA B 36 10.44 16.69 1.50
N ARG B 37 11.31 15.71 1.43
CA ARG B 37 12.46 15.73 0.51
C ARG B 37 12.58 14.43 -0.24
N GLU B 38 13.23 14.46 -1.40
CA GLU B 38 13.62 13.23 -2.10
C GLU B 38 14.61 12.52 -1.18
N GLY B 39 14.43 11.21 -1.01
CA GLY B 39 15.12 10.46 0.06
C GLY B 39 14.12 9.55 0.76
N LEU B 40 14.60 8.80 1.73
CA LEU B 40 13.82 7.68 2.27
C LEU B 40 12.75 8.06 3.31
N LEU B 41 12.91 9.18 4.01
CA LEU B 41 11.90 9.60 5.02
C LEU B 41 10.60 10.03 4.39
N GLY B 42 9.48 9.78 5.08
CA GLY B 42 8.17 10.28 4.63
C GLY B 42 7.01 10.09 5.62
N VAL B 43 5.80 10.33 5.13
CA VAL B 43 4.56 10.10 5.86
C VAL B 43 3.62 9.29 4.97
N LEU B 44 3.04 8.23 5.52
CA LEU B 44 2.03 7.43 4.83
C LEU B 44 0.69 7.90 5.31
N ARG B 45 -0.17 8.23 4.36
CA ARG B 45 -1.51 8.67 4.65
C ARG B 45 -2.45 7.55 4.20
N ILE B 46 -3.15 6.95 5.15
CA ILE B 46 -4.00 5.79 4.90
C ILE B 46 -5.45 6.18 5.07
N SER B 47 -6.29 5.78 4.12
CA SER B 47 -7.73 6.08 4.15
C SER B 47 -8.48 4.77 4.37
N PHE B 48 -9.60 4.86 5.11
CA PHE B 48 -10.43 3.71 5.47
C PHE B 48 -11.89 3.96 5.14
N GLN B 49 -12.64 2.88 4.96
CA GLN B 49 -14.09 2.98 4.74
C GLN B 49 -14.84 3.32 6.03
N ARG B 50 -14.43 2.74 7.16
CA ARG B 50 -15.12 2.88 8.46
C ARG B 50 -14.17 3.43 9.54
N GLU B 51 -14.73 4.17 10.49
CA GLU B 51 -13.99 4.62 11.68
C GLU B 51 -13.35 3.47 12.48
N GLU B 52 -14.09 2.37 12.64
CA GLU B 52 -13.58 1.16 13.33
C GLU B 52 -12.27 0.66 12.71
N ASP B 53 -12.20 0.63 11.38
CA ASP B 53 -10.96 0.22 10.69
C ASP B 53 -9.81 1.18 10.97
N ARG B 54 -10.07 2.49 10.96
CA ARG B 54 -9.02 3.46 11.28
C ARG B 54 -8.45 3.24 12.66
N LYS B 56 -8.59 0.54 14.56
CA LYS B 56 -7.91 -0.77 14.62
C LYS B 56 -6.51 -0.61 14.04
N ALA B 57 -6.39 0.12 12.93
CA ALA B 57 -5.10 0.34 12.30
C ALA B 57 -4.19 1.18 13.18
N LYS B 58 -4.76 2.23 13.75
CA LYS B 58 -4.02 3.09 14.66
C LYS B 58 -3.45 2.32 15.86
N LEU B 59 -4.27 1.46 16.44
CA LEU B 59 -3.81 0.59 17.53
C LEU B 59 -2.71 -0.35 17.11
N ALA B 60 -2.91 -1.06 16.01
CA ALA B 60 -1.94 -2.08 15.58
C ALA B 60 -0.60 -1.44 15.22
N LEU B 61 -0.65 -0.29 14.55
CA LEU B 61 0.59 0.39 14.16
C LEU B 61 1.30 0.99 15.36
N GLY B 62 0.53 1.55 16.29
CA GLY B 62 1.04 2.03 17.56
C GLY B 62 1.79 0.99 18.36
N GLU B 63 1.21 -0.21 18.42
CA GLU B 63 1.81 -1.37 19.06
C GLU B 63 3.14 -1.79 18.41
N GLU B 64 3.31 -1.52 17.12
CA GLU B 64 4.58 -1.75 16.43
C GLU B 64 5.51 -0.52 16.46
N LYS B 65 5.18 0.45 17.32
CA LYS B 65 6.01 1.60 17.61
C LYS B 65 6.09 2.63 16.48
N TYR B 66 5.13 2.63 15.55
CA TYR B 66 4.96 3.76 14.64
C TYR B 66 4.29 4.93 15.38
N GLN B 67 4.78 6.14 15.14
CA GLN B 67 4.07 7.36 15.56
C GLN B 67 2.95 7.63 14.56
N THR B 68 1.72 7.74 15.04
CA THR B 68 0.53 7.89 14.18
C THR B 68 -0.29 9.11 14.58
N TYR B 69 -1.07 9.64 13.64
CA TYR B 69 -2.08 10.67 13.90
C TYR B 69 -3.39 10.32 13.22
#